data_5VYK
#
_entry.id   5VYK
#
_cell.length_a   179.796
_cell.length_b   54.336
_cell.length_c   51.864
_cell.angle_alpha   90.000
_cell.angle_beta   106.680
_cell.angle_gamma   90.000
#
_symmetry.space_group_name_H-M   'C 1 2 1'
#
loop_
_entity.id
_entity.type
_entity.pdbx_description
1 polymer 'Chimera protein of BRS domain of BRAF and CC-SAM domain of KSR1,Serine/threonine-protein kinase B-raf'
2 non-polymer GLYCEROL
3 water water
#
_entity_poly.entity_id   1
_entity_poly.type   'polypeptide(L)'
_entity_poly.pdbx_seq_one_letter_code
;GAMEGGAGAAASRALQQCGQLQKLIDISIGSLRGLRTKCAVSNDLTQQEIRTLEAKLVRYICKQRQCKLSVAPGERTPEL
NSYPRFSDWLYTFNVRPEVVQEIPRDLTLDALLEMNEAKVKETLRRCGASGDECGRLQYALTCLRKVTGGSGSGSGSSSA
ADPAIPEEVWNIKQMIKLTQEHIEALLDKFGGEHNPPSIYLEAYEEYTSKLDALQQREQQLLESLGNGTDFS
;
_entity_poly.pdbx_strand_id   A,C
#
# COMPACT_ATOMS: atom_id res chain seq x y z
N ALA A 10 0.81 -29.80 -14.26
CA ALA A 10 0.88 -28.73 -13.28
C ALA A 10 2.02 -27.76 -13.59
N ALA A 11 3.13 -28.29 -14.11
CA ALA A 11 4.28 -27.44 -14.40
C ALA A 11 3.98 -26.49 -15.56
N SER A 12 3.26 -26.98 -16.58
CA SER A 12 2.94 -26.11 -17.71
C SER A 12 1.99 -24.98 -17.28
N ARG A 13 1.00 -25.29 -16.46
CA ARG A 13 0.07 -24.25 -16.00
C ARG A 13 0.78 -23.24 -15.10
N ALA A 14 1.68 -23.71 -14.24
CA ALA A 14 2.39 -22.83 -13.33
C ALA A 14 3.32 -21.89 -14.09
N LEU A 15 4.00 -22.39 -15.12
CA LEU A 15 4.91 -21.55 -15.90
C LEU A 15 4.15 -20.50 -16.70
N GLN A 16 2.98 -20.88 -17.25
CA GLN A 16 2.16 -19.90 -17.95
C GLN A 16 1.69 -18.80 -17.01
N GLN A 17 1.31 -19.17 -15.77
CA GLN A 17 0.86 -18.16 -14.82
C GLN A 17 1.99 -17.23 -14.40
N CYS A 18 3.18 -17.77 -14.19
CA CYS A 18 4.32 -16.91 -13.85
C CYS A 18 4.62 -15.93 -14.97
N GLY A 19 4.50 -16.38 -16.22
CA GLY A 19 4.74 -15.49 -17.35
C GLY A 19 3.72 -14.36 -17.42
N GLN A 20 2.45 -14.68 -17.17
CA GLN A 20 1.42 -13.65 -17.09
C GLN A 20 1.71 -12.69 -15.94
N LEU A 21 2.03 -13.24 -14.76
CA LEU A 21 2.36 -12.41 -13.61
C LEU A 21 3.58 -11.54 -13.89
N GLN A 22 4.54 -12.07 -14.66
CA GLN A 22 5.74 -11.29 -14.96
C GLN A 22 5.43 -10.08 -15.84
N LYS A 23 4.44 -10.19 -16.74
CA LYS A 23 4.06 -9.03 -17.53
C LYS A 23 3.49 -7.93 -16.64
N LEU A 24 2.67 -8.30 -15.66
CA LEU A 24 2.15 -7.31 -14.72
C LEU A 24 3.26 -6.71 -13.89
N ILE A 25 4.24 -7.53 -13.52
CA ILE A 25 5.36 -7.03 -12.73
C ILE A 25 6.17 -6.01 -13.54
N ASP A 26 6.50 -6.36 -14.79
CA ASP A 26 7.32 -5.46 -15.59
C ASP A 26 6.62 -4.12 -15.81
N ILE A 27 5.32 -4.15 -16.12
CA ILE A 27 4.56 -2.91 -16.29
C ILE A 27 4.57 -2.11 -15.00
N SER A 28 4.36 -2.80 -13.87
CA SER A 28 4.25 -2.13 -12.58
C SER A 28 5.58 -1.55 -12.14
N ILE A 29 6.68 -2.26 -12.42
CA ILE A 29 8.01 -1.73 -12.13
C ILE A 29 8.26 -0.45 -12.90
N GLY A 30 7.85 -0.42 -14.17
CA GLY A 30 7.96 0.81 -14.94
C GLY A 30 7.17 1.95 -14.32
N SER A 31 5.92 1.69 -13.94
CA SER A 31 5.10 2.74 -13.34
C SER A 31 5.66 3.20 -12.01
N LEU A 32 6.18 2.27 -11.20
CA LEU A 32 6.80 2.62 -9.93
C LEU A 32 8.00 3.54 -10.12
N ARG A 33 8.87 3.21 -11.08
CA ARG A 33 9.98 4.10 -11.41
C ARG A 33 9.49 5.47 -11.83
N GLY A 34 8.40 5.51 -12.59
CA GLY A 34 7.86 6.79 -13.03
C GLY A 34 7.33 7.62 -11.88
N LEU A 35 6.59 6.99 -10.97
CA LEU A 35 6.17 7.69 -9.76
C LEU A 35 7.37 8.21 -9.00
N ARG A 36 8.43 7.39 -8.89
CA ARG A 36 9.57 7.80 -8.08
C ARG A 36 10.43 8.89 -8.74
N THR A 37 10.40 9.01 -10.07
CA THR A 37 11.28 9.93 -10.76
C THR A 37 10.57 11.09 -11.45
N LYS A 38 9.34 10.89 -11.91
CA LYS A 38 8.62 11.90 -12.65
C LYS A 38 7.60 12.66 -11.80
N CYS A 39 7.30 12.19 -10.61
CA CYS A 39 6.32 12.81 -9.72
C CYS A 39 7.02 13.45 -8.53
N ALA A 40 6.24 14.18 -7.72
CA ALA A 40 6.76 14.82 -6.53
C ALA A 40 6.72 13.81 -5.39
N VAL A 41 7.88 13.26 -5.03
CA VAL A 41 7.91 12.16 -4.08
C VAL A 41 7.53 12.62 -2.67
N SER A 42 7.74 13.91 -2.36
CA SER A 42 7.36 14.48 -1.08
C SER A 42 5.85 14.76 -0.97
N ASN A 43 5.06 14.33 -1.94
CA ASN A 43 3.64 14.59 -2.01
C ASN A 43 2.88 13.39 -1.43
N ASP A 44 1.87 13.65 -0.59
CA ASP A 44 1.23 12.51 0.07
C ASP A 44 0.42 11.64 -0.89
N LEU A 45 -0.05 12.18 -2.01
CA LEU A 45 -0.71 11.28 -2.96
C LEU A 45 0.29 10.43 -3.71
N THR A 46 1.43 11.02 -4.11
CA THR A 46 2.49 10.22 -4.72
C THR A 46 2.89 9.06 -3.80
N GLN A 47 3.07 9.35 -2.51
CA GLN A 47 3.44 8.30 -1.55
C GLN A 47 2.36 7.23 -1.47
N GLN A 48 1.09 7.64 -1.40
CA GLN A 48 0.02 6.62 -1.37
C GLN A 48 0.09 5.72 -2.58
N GLU A 49 0.31 6.30 -3.76
CA GLU A 49 0.32 5.52 -5.00
C GLU A 49 1.56 4.63 -5.11
N ILE A 50 2.68 5.08 -4.55
CA ILE A 50 3.87 4.22 -4.49
C ILE A 50 3.60 3.02 -3.59
N ARG A 51 3.05 3.26 -2.39
CA ARG A 51 2.72 2.16 -1.47
C ARG A 51 1.76 1.18 -2.09
N THR A 52 0.76 1.69 -2.82
CA THR A 52 -0.25 0.82 -3.42
C THR A 52 0.35 -0.05 -4.52
N LEU A 53 1.24 0.55 -5.32
CA LEU A 53 1.91 -0.20 -6.38
C LEU A 53 2.94 -1.18 -5.80
N GLU A 54 3.64 -0.80 -4.72
CA GLU A 54 4.50 -1.76 -4.03
C GLU A 54 3.70 -2.96 -3.53
N ALA A 55 2.48 -2.71 -3.05
CA ALA A 55 1.64 -3.80 -2.53
C ALA A 55 1.27 -4.77 -3.65
N LYS A 56 0.87 -4.25 -4.81
CA LYS A 56 0.53 -5.11 -5.95
C LYS A 56 1.72 -5.94 -6.40
N LEU A 57 2.92 -5.31 -6.44
CA LEU A 57 4.11 -6.03 -6.86
C LEU A 57 4.43 -7.16 -5.90
N VAL A 58 4.32 -6.93 -4.58
CA VAL A 58 4.53 -8.00 -3.61
C VAL A 58 3.52 -9.11 -3.83
N ARG A 59 2.26 -8.75 -4.13
CA ARG A 59 1.26 -9.79 -4.39
C ARG A 59 1.66 -10.61 -5.61
N TYR A 60 2.05 -9.94 -6.70
CA TYR A 60 2.43 -10.66 -7.91
C TYR A 60 3.63 -11.55 -7.68
N ILE A 61 4.62 -11.06 -6.93
CA ILE A 61 5.79 -11.87 -6.62
C ILE A 61 5.39 -13.07 -5.76
N CYS A 62 4.51 -12.85 -4.79
CA CYS A 62 4.05 -13.98 -3.96
C CYS A 62 3.32 -15.01 -4.80
N LYS A 63 2.52 -14.56 -5.77
CA LYS A 63 1.78 -15.49 -6.62
C LYS A 63 2.70 -16.30 -7.51
N GLN A 64 3.78 -15.67 -8.02
CA GLN A 64 4.76 -16.43 -8.77
C GLN A 64 5.39 -17.51 -7.89
N ARG A 65 5.75 -17.16 -6.66
CA ARG A 65 6.34 -18.14 -5.76
C ARG A 65 5.35 -19.27 -5.45
N GLN A 66 4.07 -18.91 -5.22
CA GLN A 66 3.07 -19.96 -4.96
C GLN A 66 2.91 -20.87 -6.17
N CYS A 67 2.93 -20.31 -7.38
CA CYS A 67 2.85 -21.14 -8.59
C CYS A 67 4.01 -22.11 -8.67
N LYS A 68 5.23 -21.63 -8.39
CA LYS A 68 6.39 -22.51 -8.44
C LYS A 68 6.31 -23.59 -7.37
N LEU A 69 5.79 -23.24 -6.20
CA LEU A 69 5.72 -24.22 -5.11
C LEU A 69 4.55 -25.18 -5.24
N SER A 70 3.51 -24.83 -5.99
CA SER A 70 2.39 -25.74 -6.20
C SER A 70 2.84 -26.98 -6.98
N VAL A 71 3.88 -26.85 -7.76
CA VAL A 71 4.44 -27.97 -8.49
C VAL A 71 5.32 -28.76 -7.54
N ALA A 72 5.18 -30.10 -7.56
CA ALA A 72 6.07 -30.92 -6.76
C ALA A 72 7.51 -30.65 -7.19
N PRO A 73 8.45 -30.54 -6.24
CA PRO A 73 9.78 -29.99 -6.60
C PRO A 73 10.45 -30.72 -7.74
N GLY A 74 10.16 -32.00 -7.91
CA GLY A 74 10.87 -32.82 -8.89
C GLY A 74 10.81 -32.28 -10.30
N GLU A 75 11.96 -31.77 -10.75
CA GLU A 75 12.14 -31.22 -12.09
C GLU A 75 10.99 -30.31 -12.52
N ARG A 76 10.70 -29.31 -11.69
CA ARG A 76 10.02 -28.15 -12.23
C ARG A 76 11.03 -27.38 -13.06
N THR A 77 10.66 -27.05 -14.30
CA THR A 77 11.61 -26.61 -15.30
C THR A 77 12.42 -25.41 -14.79
N PRO A 78 13.71 -25.31 -15.15
CA PRO A 78 14.51 -24.19 -14.65
C PRO A 78 13.91 -22.84 -14.98
N GLU A 79 13.19 -22.74 -16.11
CA GLU A 79 12.40 -21.55 -16.38
C GLU A 79 11.39 -21.29 -15.25
N LEU A 80 10.75 -22.36 -14.75
CA LEU A 80 9.81 -22.17 -13.65
C LEU A 80 10.52 -21.81 -12.36
N ASN A 81 11.69 -22.42 -12.10
CA ASN A 81 12.43 -22.13 -10.89
C ASN A 81 13.05 -20.74 -10.87
N SER A 82 13.06 -20.03 -12.01
CA SER A 82 13.60 -18.68 -12.06
C SER A 82 12.64 -17.63 -11.52
N TYR A 83 11.38 -17.98 -11.28
CA TYR A 83 10.35 -17.11 -10.74
C TYR A 83 10.17 -17.36 -9.24
N PRO A 84 10.05 -16.30 -8.42
CA PRO A 84 10.15 -14.89 -8.80
C PRO A 84 11.60 -14.44 -8.99
N ARG A 85 11.78 -13.28 -9.60
CA ARG A 85 13.11 -12.73 -9.86
C ARG A 85 13.54 -11.86 -8.70
N PHE A 86 14.72 -12.14 -8.14
CA PHE A 86 15.21 -11.42 -6.97
C PHE A 86 15.28 -9.91 -7.23
N SER A 87 15.72 -9.52 -8.43
CA SER A 87 15.86 -8.09 -8.73
C SER A 87 14.51 -7.38 -8.70
N ASP A 88 13.43 -8.05 -9.15
CA ASP A 88 12.11 -7.44 -9.10
C ASP A 88 11.72 -7.08 -7.67
N TRP A 89 11.96 -7.99 -6.73
CA TRP A 89 11.61 -7.73 -5.34
C TRP A 89 12.44 -6.59 -4.76
N LEU A 90 13.75 -6.59 -5.01
CA LEU A 90 14.60 -5.50 -4.54
C LEU A 90 14.17 -4.15 -5.11
N TYR A 91 13.87 -4.12 -6.41
CA TYR A 91 13.45 -2.87 -7.03
C TYR A 91 12.11 -2.41 -6.48
N THR A 92 11.24 -3.35 -6.11
CA THR A 92 9.97 -2.98 -5.51
C THR A 92 10.17 -2.13 -4.25
N PHE A 93 11.19 -2.44 -3.46
CA PHE A 93 11.46 -1.67 -2.26
C PHE A 93 12.58 -0.66 -2.46
N ASN A 94 12.81 -0.24 -3.71
CA ASN A 94 13.66 0.91 -4.03
C ASN A 94 15.08 0.75 -3.51
N VAL A 95 15.60 -0.47 -3.50
CA VAL A 95 17.00 -0.69 -3.15
C VAL A 95 17.87 -0.05 -4.22
N ARG A 96 18.85 0.73 -3.79
CA ARG A 96 19.68 1.47 -4.72
C ARG A 96 20.36 0.52 -5.70
N PRO A 97 20.41 0.86 -6.99
CA PRO A 97 20.99 -0.08 -7.97
C PRO A 97 22.45 -0.38 -7.75
N GLU A 98 23.21 0.53 -7.14
CA GLU A 98 24.59 0.23 -6.79
C GLU A 98 24.66 -0.86 -5.72
N VAL A 99 23.62 -0.97 -4.90
CA VAL A 99 23.55 -2.04 -3.90
C VAL A 99 23.17 -3.36 -4.56
N VAL A 100 22.24 -3.32 -5.52
CA VAL A 100 21.87 -4.54 -6.24
C VAL A 100 23.08 -5.13 -6.97
N GLN A 101 23.94 -4.28 -7.52
CA GLN A 101 25.11 -4.75 -8.23
C GLN A 101 26.12 -5.42 -7.29
N GLU A 102 26.18 -4.97 -6.04
CA GLU A 102 27.08 -5.55 -5.04
C GLU A 102 26.50 -6.79 -4.38
N ILE A 103 25.40 -7.33 -4.89
CA ILE A 103 24.75 -8.50 -4.30
C ILE A 103 25.30 -9.76 -4.97
N PRO A 104 25.61 -10.81 -4.20
CA PRO A 104 26.12 -12.05 -4.82
C PRO A 104 25.14 -12.61 -5.84
N ARG A 105 25.70 -13.26 -6.86
CA ARG A 105 24.90 -13.75 -7.98
C ARG A 105 24.02 -14.92 -7.53
N ASP A 106 24.58 -15.87 -6.79
CA ASP A 106 23.84 -17.06 -6.39
C ASP A 106 22.84 -16.79 -5.27
N LEU A 107 22.71 -15.55 -4.81
CA LEU A 107 21.79 -15.25 -3.72
C LEU A 107 20.37 -15.09 -4.26
N THR A 108 19.42 -15.76 -3.62
CA THR A 108 18.03 -15.76 -4.03
C THR A 108 17.15 -15.25 -2.90
N LEU A 109 15.94 -14.81 -3.25
CA LEU A 109 14.95 -14.47 -2.24
C LEU A 109 14.60 -15.67 -1.38
N ASP A 110 14.60 -16.87 -1.97
CA ASP A 110 14.33 -18.08 -1.20
C ASP A 110 15.35 -18.28 -0.09
N ALA A 111 16.61 -17.88 -0.33
CA ALA A 111 17.63 -18.00 0.71
C ALA A 111 17.40 -17.00 1.83
N LEU A 112 17.09 -15.74 1.48
CA LEU A 112 16.85 -14.73 2.50
C LEU A 112 15.72 -15.14 3.44
N LEU A 113 14.65 -15.70 2.88
CA LEU A 113 13.55 -16.19 3.71
C LEU A 113 14.00 -17.25 4.69
N GLU A 114 15.06 -17.99 4.36
CA GLU A 114 15.55 -19.09 5.20
C GLU A 114 16.47 -18.66 6.33
N MET A 115 17.12 -17.51 6.22
CA MET A 115 18.07 -17.11 7.25
C MET A 115 17.36 -16.37 8.38
N ASN A 116 18.04 -16.27 9.52
CA ASN A 116 17.49 -15.50 10.63
C ASN A 116 17.71 -14.00 10.40
N GLU A 117 17.12 -13.21 11.29
CA GLU A 117 17.09 -11.76 11.09
C GLU A 117 18.48 -11.15 11.18
N ALA A 118 19.31 -11.64 12.11
CA ALA A 118 20.66 -11.10 12.23
C ALA A 118 21.49 -11.40 10.98
N LYS A 119 21.27 -12.56 10.37
CA LYS A 119 22.05 -12.92 9.19
C LYS A 119 21.59 -12.11 7.98
N VAL A 120 20.28 -11.86 7.85
CA VAL A 120 19.77 -11.04 6.76
C VAL A 120 20.40 -9.65 6.80
N LYS A 121 20.43 -9.03 7.98
CA LYS A 121 20.96 -7.68 8.10
C LYS A 121 22.45 -7.63 7.78
N GLU A 122 23.21 -8.58 8.30
CA GLU A 122 24.65 -8.62 8.04
C GLU A 122 24.94 -8.85 6.56
N THR A 123 24.12 -9.68 5.89
CA THR A 123 24.29 -9.86 4.45
C THR A 123 24.00 -8.57 3.70
N LEU A 124 22.96 -7.84 4.11
CA LEU A 124 22.64 -6.58 3.43
C LEU A 124 23.75 -5.56 3.63
N ARG A 125 24.34 -5.52 4.84
CA ARG A 125 25.41 -4.57 5.10
C ARG A 125 26.63 -4.83 4.22
N ARG A 126 26.95 -6.10 3.98
CA ARG A 126 28.11 -6.43 3.15
C ARG A 126 27.96 -5.89 1.73
N CYS A 127 26.71 -5.77 1.26
CA CYS A 127 26.43 -5.15 -0.03
C CYS A 127 26.35 -3.63 0.04
N GLY A 128 26.53 -3.05 1.21
CA GLY A 128 26.47 -1.61 1.36
C GLY A 128 25.07 -1.05 1.59
N ALA A 129 24.12 -1.88 1.97
CA ALA A 129 22.74 -1.42 2.13
C ALA A 129 22.63 -0.41 3.27
N SER A 130 21.74 0.56 3.08
CA SER A 130 21.51 1.57 4.10
C SER A 130 20.76 0.97 5.28
N GLY A 131 20.84 1.66 6.41
CA GLY A 131 19.99 1.29 7.54
C GLY A 131 18.52 1.43 7.21
N ASP A 132 18.18 2.41 6.37
CA ASP A 132 16.80 2.55 5.92
C ASP A 132 16.44 1.44 4.94
N GLU A 133 17.40 0.95 4.16
CA GLU A 133 17.14 -0.13 3.22
C GLU A 133 17.00 -1.48 3.93
N CYS A 134 17.70 -1.68 5.05
CA CYS A 134 17.62 -2.94 5.77
C CYS A 134 16.25 -3.12 6.42
N GLY A 135 15.74 -2.07 7.08
CA GLY A 135 14.42 -2.15 7.67
C GLY A 135 13.30 -2.35 6.66
N ARG A 136 13.48 -1.85 5.43
CA ARG A 136 12.48 -2.09 4.40
C ARG A 136 12.39 -3.57 4.08
N LEU A 137 13.55 -4.21 3.83
CA LEU A 137 13.56 -5.60 3.42
C LEU A 137 13.21 -6.53 4.59
N GLN A 138 13.64 -6.18 5.81
CA GLN A 138 13.23 -6.96 6.97
C GLN A 138 11.72 -6.94 7.12
N TYR A 139 11.11 -5.77 7.00
CA TYR A 139 9.65 -5.68 7.01
C TYR A 139 9.06 -6.43 5.83
N ALA A 140 9.69 -6.32 4.66
CA ALA A 140 9.18 -6.99 3.47
C ALA A 140 9.23 -8.51 3.62
N LEU A 141 10.31 -9.04 4.20
CA LEU A 141 10.39 -10.47 4.42
C LEU A 141 9.31 -10.94 5.38
N THR A 142 9.00 -10.13 6.39
CA THR A 142 7.93 -10.48 7.33
C THR A 142 6.57 -10.46 6.64
N CYS A 143 6.29 -9.40 5.88
CA CYS A 143 5.06 -9.39 5.08
C CYS A 143 5.05 -10.52 4.06
N LEU A 144 6.21 -10.80 3.45
CA LEU A 144 6.31 -11.89 2.50
C LEU A 144 6.08 -13.24 3.17
N ARG A 145 6.74 -13.47 4.31
CA ARG A 145 6.69 -14.77 4.96
C ARG A 145 5.29 -15.09 5.48
N LYS A 146 4.51 -14.07 5.84
CA LYS A 146 3.15 -14.31 6.32
C LYS A 146 2.31 -15.03 5.27
N VAL A 147 2.41 -14.62 4.01
CA VAL A 147 1.65 -15.28 2.96
C VAL A 147 2.18 -16.69 2.70
N THR A 148 3.50 -16.87 2.77
CA THR A 148 4.10 -18.19 2.59
C THR A 148 5.17 -18.40 3.66
N ALA A 164 -7.91 -24.17 -4.31
CA ALA A 164 -8.30 -23.20 -3.28
C ALA A 164 -9.49 -22.35 -3.67
N ILE A 165 -10.21 -22.72 -4.74
CA ILE A 165 -11.37 -21.93 -5.15
C ILE A 165 -12.33 -21.69 -4.00
N PRO A 166 -12.71 -22.69 -3.20
CA PRO A 166 -13.59 -22.42 -2.05
C PRO A 166 -13.01 -21.46 -1.02
N GLU A 167 -11.73 -21.58 -0.65
CA GLU A 167 -11.15 -20.63 0.31
C GLU A 167 -11.07 -19.22 -0.27
N GLU A 168 -10.77 -19.10 -1.56
CA GLU A 168 -10.81 -17.80 -2.22
C GLU A 168 -12.24 -17.28 -2.27
N VAL A 169 -13.20 -18.19 -2.42
CA VAL A 169 -14.62 -17.82 -2.48
C VAL A 169 -15.07 -17.18 -1.18
N TRP A 170 -14.70 -17.79 -0.07
CA TRP A 170 -15.12 -17.31 1.24
C TRP A 170 -14.50 -15.97 1.52
N ASN A 171 -13.20 -15.86 1.29
CA ASN A 171 -12.46 -14.63 1.56
C ASN A 171 -12.98 -13.48 0.71
N ILE A 172 -13.21 -13.73 -0.58
CA ILE A 172 -13.76 -12.69 -1.44
C ILE A 172 -15.13 -12.24 -0.95
N LYS A 173 -15.94 -13.18 -0.42
CA LYS A 173 -17.25 -12.81 0.09
C LYS A 173 -17.13 -11.94 1.34
N GLN A 174 -16.16 -12.24 2.21
CA GLN A 174 -15.96 -11.36 3.36
C GLN A 174 -15.48 -9.99 2.92
N MET A 175 -14.65 -9.96 1.88
CA MET A 175 -14.11 -8.66 1.44
C MET A 175 -15.18 -7.82 0.76
N ILE A 176 -16.11 -8.46 0.04
CA ILE A 176 -17.25 -7.74 -0.54
C ILE A 176 -18.10 -7.11 0.56
N LYS A 177 -18.39 -7.86 1.62
CA LYS A 177 -19.18 -7.33 2.74
C LYS A 177 -18.50 -6.11 3.35
N LEU A 178 -17.19 -6.21 3.59
CA LEU A 178 -16.47 -5.04 4.13
C LEU A 178 -16.46 -3.87 3.15
N THR A 179 -16.33 -4.15 1.86
CA THR A 179 -16.29 -3.06 0.88
C THR A 179 -17.63 -2.36 0.78
N GLN A 180 -18.72 -3.14 0.78
CA GLN A 180 -20.08 -2.58 0.81
C GLN A 180 -20.28 -1.71 2.04
N GLU A 181 -19.83 -2.20 3.21
CA GLU A 181 -19.96 -1.42 4.43
C GLU A 181 -19.12 -0.15 4.38
N HIS A 182 -17.93 -0.21 3.75
CA HIS A 182 -17.08 0.98 3.64
C HIS A 182 -17.75 2.04 2.78
N ILE A 183 -18.35 1.63 1.66
CA ILE A 183 -19.08 2.56 0.80
C ILE A 183 -20.27 3.16 1.52
N GLU A 184 -21.06 2.33 2.20
CA GLU A 184 -22.20 2.81 2.96
C GLU A 184 -21.77 3.81 4.04
N ALA A 185 -20.65 3.52 4.70
CA ALA A 185 -20.14 4.47 5.70
C ALA A 185 -19.73 5.79 5.05
N LEU A 186 -19.02 5.73 3.93
CA LEU A 186 -18.61 6.97 3.24
C LEU A 186 -19.83 7.80 2.85
N LEU A 187 -20.85 7.15 2.28
CA LEU A 187 -22.06 7.83 1.89
C LEU A 187 -22.79 8.42 3.09
N ASP A 188 -22.80 7.67 4.21
CA ASP A 188 -23.42 8.18 5.42
C ASP A 188 -22.77 9.48 5.88
N LYS A 189 -21.44 9.55 5.82
CA LYS A 189 -20.71 10.71 6.32
C LYS A 189 -20.58 11.85 5.31
N PHE A 190 -20.58 11.57 4.01
CA PHE A 190 -20.34 12.63 3.01
C PHE A 190 -21.39 12.69 1.92
N GLY A 191 -22.33 11.76 1.86
CA GLY A 191 -23.25 11.72 0.75
C GLY A 191 -24.20 12.90 0.77
N GLY A 192 -24.61 13.32 -0.43
CA GLY A 192 -25.55 14.40 -0.51
C GLY A 192 -24.98 15.77 -0.20
N GLU A 193 -23.66 15.92 -0.18
CA GLU A 193 -23.04 17.24 -0.01
C GLU A 193 -22.88 17.94 -1.36
N HIS A 194 -23.05 19.25 -1.36
CA HIS A 194 -22.90 19.99 -2.61
C HIS A 194 -21.45 20.37 -2.90
N ASN A 195 -20.58 20.46 -1.90
CA ASN A 195 -19.15 20.68 -2.12
C ASN A 195 -18.36 19.54 -1.47
N PRO A 196 -18.46 18.34 -2.02
CA PRO A 196 -17.81 17.19 -1.36
C PRO A 196 -16.30 17.30 -1.46
N PRO A 197 -15.60 16.91 -0.40
CA PRO A 197 -14.13 16.98 -0.43
C PRO A 197 -13.56 16.06 -1.49
N SER A 198 -12.51 16.54 -2.17
CA SER A 198 -11.84 15.68 -3.15
C SER A 198 -11.38 14.36 -2.53
N ILE A 199 -10.92 14.39 -1.28
CA ILE A 199 -10.37 13.16 -0.70
C ILE A 199 -11.47 12.11 -0.50
N TYR A 200 -12.71 12.56 -0.29
CA TYR A 200 -13.84 11.65 -0.25
C TYR A 200 -14.19 11.12 -1.64
N LEU A 201 -14.18 11.99 -2.65
CA LEU A 201 -14.51 11.58 -4.01
C LEU A 201 -13.53 10.54 -4.53
N GLU A 202 -12.26 10.67 -4.16
CA GLU A 202 -11.25 9.66 -4.51
C GLU A 202 -11.61 8.32 -3.89
N ALA A 203 -11.98 8.30 -2.60
CA ALA A 203 -12.32 7.04 -1.94
C ALA A 203 -13.58 6.43 -2.52
N TYR A 204 -14.59 7.27 -2.81
CA TYR A 204 -15.82 6.78 -3.40
C TYR A 204 -15.55 6.08 -4.71
N GLU A 205 -14.76 6.73 -5.59
CA GLU A 205 -14.45 6.14 -6.89
C GLU A 205 -13.70 4.83 -6.74
N GLU A 206 -12.69 4.81 -5.85
CA GLU A 206 -11.88 3.60 -5.69
C GLU A 206 -12.68 2.45 -5.11
N TYR A 207 -13.49 2.72 -4.09
CA TYR A 207 -14.16 1.61 -3.42
C TYR A 207 -15.35 1.11 -4.22
N THR A 208 -16.09 1.98 -4.92
CA THR A 208 -17.14 1.43 -5.79
C THR A 208 -16.53 0.61 -6.93
N SER A 209 -15.39 1.06 -7.46
CA SER A 209 -14.65 0.26 -8.44
C SER A 209 -14.17 -1.06 -7.84
N LYS A 210 -13.63 -1.02 -6.62
CA LYS A 210 -13.18 -2.24 -5.98
C LYS A 210 -14.33 -3.23 -5.80
N LEU A 211 -15.52 -2.74 -5.42
CA LEU A 211 -16.68 -3.63 -5.25
C LEU A 211 -17.01 -4.35 -6.55
N ASP A 212 -16.94 -3.64 -7.68
CA ASP A 212 -17.21 -4.27 -8.97
C ASP A 212 -16.12 -5.27 -9.33
N ALA A 213 -14.86 -4.97 -9.00
CA ALA A 213 -13.81 -5.94 -9.30
C ALA A 213 -14.00 -7.20 -8.46
N LEU A 214 -14.27 -7.03 -7.17
CA LEU A 214 -14.49 -8.18 -6.30
C LEU A 214 -15.72 -8.99 -6.72
N GLN A 215 -16.83 -8.31 -7.02
CA GLN A 215 -18.03 -9.05 -7.39
C GLN A 215 -17.83 -9.82 -8.68
N GLN A 216 -17.06 -9.26 -9.61
CA GLN A 216 -16.71 -9.99 -10.82
C GLN A 216 -15.84 -11.21 -10.51
N ARG A 217 -14.80 -11.03 -9.70
N ARG A 217 -14.80 -11.04 -9.70
CA ARG A 217 -13.93 -12.14 -9.32
CA ARG A 217 -13.96 -12.18 -9.36
C ARG A 217 -14.70 -13.21 -8.56
C ARG A 217 -14.76 -13.23 -8.61
N GLU A 218 -15.68 -12.81 -7.75
CA GLU A 218 -16.52 -13.78 -7.05
C GLU A 218 -17.29 -14.65 -8.04
N GLN A 219 -17.82 -14.04 -9.09
CA GLN A 219 -18.50 -14.81 -10.12
C GLN A 219 -17.54 -15.77 -10.81
N GLN A 220 -16.30 -15.32 -11.07
CA GLN A 220 -15.31 -16.23 -11.67
C GLN A 220 -15.01 -17.40 -10.74
N LEU A 221 -15.02 -17.17 -9.42
CA LEU A 221 -14.69 -18.25 -8.48
C LEU A 221 -15.87 -19.18 -8.27
N LEU A 222 -17.08 -18.63 -8.20
CA LEU A 222 -18.27 -19.46 -8.09
C LEU A 222 -18.44 -20.36 -9.30
N GLU A 223 -18.02 -19.89 -10.48
CA GLU A 223 -18.05 -20.74 -11.67
C GLU A 223 -16.99 -21.83 -11.59
N SER A 224 -15.76 -21.45 -11.20
CA SER A 224 -14.69 -22.43 -11.07
C SER A 224 -15.05 -23.51 -10.06
N LEU A 225 -15.64 -23.10 -8.94
CA LEU A 225 -16.09 -24.05 -7.93
C LEU A 225 -17.22 -24.92 -8.47
N GLY A 226 -18.18 -24.31 -9.15
CA GLY A 226 -19.32 -25.05 -9.69
C GLY A 226 -18.94 -26.09 -10.72
N ALA B 10 -7.77 30.74 9.00
CA ALA B 10 -7.08 29.52 8.61
C ALA B 10 -7.28 28.42 9.63
N ALA B 11 -7.42 28.79 10.90
CA ALA B 11 -7.66 27.78 11.92
C ALA B 11 -9.01 27.10 11.73
N SER B 12 -10.02 27.88 11.34
CA SER B 12 -11.35 27.30 11.11
C SER B 12 -11.34 26.34 9.92
N ARG B 13 -10.67 26.73 8.83
CA ARG B 13 -10.62 25.86 7.65
C ARG B 13 -9.81 24.61 7.91
N ALA B 14 -8.67 24.75 8.62
CA ALA B 14 -7.82 23.61 8.92
C ALA B 14 -8.52 22.63 9.85
N LEU B 15 -9.25 23.13 10.84
CA LEU B 15 -9.99 22.26 11.75
C LEU B 15 -11.11 21.53 11.01
N GLN B 16 -11.84 22.23 10.14
CA GLN B 16 -12.87 21.57 9.34
C GLN B 16 -12.29 20.45 8.50
N GLN B 17 -11.15 20.69 7.85
CA GLN B 17 -10.53 19.65 7.04
C GLN B 17 -10.11 18.46 7.91
N CYS B 18 -9.53 18.72 9.08
CA CYS B 18 -9.18 17.63 9.99
C CYS B 18 -10.41 16.80 10.35
N GLY B 19 -11.55 17.46 10.55
CA GLY B 19 -12.77 16.73 10.87
C GLY B 19 -13.23 15.83 9.74
N GLN B 20 -13.18 16.33 8.51
CA GLN B 20 -13.49 15.49 7.34
C GLN B 20 -12.52 14.34 7.23
N LEU B 21 -11.21 14.63 7.37
CA LEU B 21 -10.20 13.58 7.32
C LEU B 21 -10.40 12.55 8.41
N GLN B 22 -10.83 12.98 9.60
CA GLN B 22 -11.03 12.02 10.68
C GLN B 22 -12.16 11.05 10.39
N LYS B 23 -13.21 11.52 9.70
CA LYS B 23 -14.28 10.60 9.30
C LYS B 23 -13.74 9.51 8.38
N LEU B 24 -12.91 9.88 7.41
CA LEU B 24 -12.27 8.88 6.56
C LEU B 24 -11.39 7.95 7.37
N ILE B 25 -10.67 8.49 8.36
CA ILE B 25 -9.80 7.65 9.19
C ILE B 25 -10.63 6.65 9.98
N ASP B 26 -11.70 7.12 10.64
CA ASP B 26 -12.50 6.22 11.46
C ASP B 26 -13.08 5.08 10.63
N ILE B 27 -13.67 5.42 9.48
CA ILE B 27 -14.20 4.41 8.56
C ILE B 27 -13.11 3.43 8.17
N SER B 28 -11.93 3.95 7.84
CA SER B 28 -10.85 3.12 7.32
C SER B 28 -10.28 2.22 8.39
N ILE B 29 -10.17 2.71 9.63
CA ILE B 29 -9.74 1.89 10.75
C ILE B 29 -10.69 0.72 10.96
N GLY B 30 -11.99 0.99 10.85
CA GLY B 30 -12.97 -0.10 10.92
C GLY B 30 -12.75 -1.15 9.84
N SER B 31 -12.53 -0.70 8.61
CA SER B 31 -12.33 -1.64 7.51
C SER B 31 -11.03 -2.41 7.67
N LEU B 32 -9.97 -1.75 8.15
CA LEU B 32 -8.71 -2.44 8.41
C LEU B 32 -8.88 -3.55 9.45
N ARG B 33 -9.57 -3.23 10.55
CA ARG B 33 -9.85 -4.23 11.57
C ARG B 33 -10.62 -5.41 10.98
N GLY B 34 -11.59 -5.13 10.11
CA GLY B 34 -12.35 -6.20 9.49
C GLY B 34 -11.51 -7.09 8.60
N LEU B 35 -10.63 -6.47 7.79
CA LEU B 35 -9.69 -7.24 6.97
C LEU B 35 -8.82 -8.12 7.86
N ARG B 36 -8.35 -7.57 8.98
CA ARG B 36 -7.44 -8.32 9.83
C ARG B 36 -8.14 -9.41 10.62
N THR B 37 -9.45 -9.30 10.87
CA THR B 37 -10.14 -10.25 11.73
C THR B 37 -11.18 -11.11 11.02
N LYS B 38 -11.82 -10.60 9.97
CA LYS B 38 -12.88 -11.34 9.29
C LYS B 38 -12.40 -12.00 8.00
N CYS B 39 -11.22 -11.65 7.51
CA CYS B 39 -10.68 -12.19 6.27
C CYS B 39 -9.53 -13.15 6.57
N ALA B 40 -9.05 -13.82 5.52
CA ALA B 40 -7.92 -14.75 5.66
C ALA B 40 -6.63 -13.95 5.53
N VAL B 41 -5.95 -13.69 6.64
CA VAL B 41 -4.82 -12.78 6.62
C VAL B 41 -3.63 -13.37 5.85
N SER B 42 -3.53 -14.69 5.77
CA SER B 42 -2.51 -15.39 5.01
C SER B 42 -2.76 -15.40 3.50
N ASN B 43 -3.78 -14.68 3.04
CA ASN B 43 -4.14 -14.64 1.63
C ASN B 43 -3.49 -13.43 0.97
N ASP B 44 -2.93 -13.63 -0.24
CA ASP B 44 -2.18 -12.50 -0.81
C ASP B 44 -3.08 -11.35 -1.24
N LEU B 45 -4.36 -11.58 -1.52
CA LEU B 45 -5.22 -10.43 -1.82
C LEU B 45 -5.60 -9.70 -0.55
N THR B 46 -5.86 -10.43 0.55
CA THR B 46 -6.06 -9.77 1.83
C THR B 46 -4.87 -8.87 2.18
N GLN B 47 -3.65 -9.39 2.02
CA GLN B 47 -2.47 -8.59 2.34
C GLN B 47 -2.39 -7.35 1.45
N GLN B 48 -2.66 -7.50 0.15
CA GLN B 48 -2.61 -6.30 -0.71
C GLN B 48 -3.58 -5.23 -0.22
N GLU B 49 -4.79 -5.65 0.15
CA GLU B 49 -5.84 -4.71 0.56
C GLU B 49 -5.55 -4.09 1.91
N ILE B 50 -4.89 -4.83 2.80
CA ILE B 50 -4.42 -4.25 4.05
C ILE B 50 -3.36 -3.20 3.79
N ARG B 51 -2.38 -3.54 2.94
CA ARG B 51 -1.34 -2.56 2.60
C ARG B 51 -1.94 -1.31 1.98
N THR B 52 -2.94 -1.48 1.12
CA THR B 52 -3.55 -0.35 0.43
C THR B 52 -4.31 0.56 1.40
N LEU B 53 -5.02 -0.05 2.35
CA LEU B 53 -5.73 0.72 3.37
C LEU B 53 -4.78 1.38 4.35
N GLU B 54 -3.68 0.70 4.72
CA GLU B 54 -2.65 1.34 5.53
C GLU B 54 -2.10 2.56 4.82
N ALA B 55 -1.92 2.47 3.50
CA ALA B 55 -1.38 3.59 2.73
C ALA B 55 -2.33 4.79 2.77
N LYS B 56 -3.63 4.54 2.59
CA LYS B 56 -4.61 5.62 2.66
C LYS B 56 -4.63 6.24 4.05
N LEU B 57 -4.55 5.41 5.10
CA LEU B 57 -4.58 5.92 6.46
C LEU B 57 -3.39 6.83 6.73
N VAL B 58 -2.20 6.42 6.29
CA VAL B 58 -1.02 7.27 6.45
C VAL B 58 -1.22 8.58 5.70
N ARG B 59 -1.82 8.52 4.51
CA ARG B 59 -2.06 9.75 3.77
C ARG B 59 -2.99 10.67 4.54
N TYR B 60 -4.07 10.11 5.10
CA TYR B 60 -5.02 10.94 5.84
C TYR B 60 -4.38 11.56 7.06
N ILE B 61 -3.56 10.80 7.78
CA ILE B 61 -2.89 11.31 8.97
C ILE B 61 -1.89 12.40 8.58
N CYS B 62 -1.15 12.21 7.48
CA CYS B 62 -0.23 13.25 7.02
C CYS B 62 -0.98 14.53 6.66
N LYS B 63 -2.15 14.39 6.04
CA LYS B 63 -2.93 15.56 5.66
C LYS B 63 -3.45 16.30 6.88
N GLN B 64 -3.87 15.55 7.92
CA GLN B 64 -4.24 16.21 9.17
C GLN B 64 -3.06 16.99 9.73
N ARG B 65 -1.87 16.38 9.72
CA ARG B 65 -0.69 17.08 10.23
C ARG B 65 -0.36 18.31 9.39
N GLN B 66 -0.49 18.19 8.06
CA GLN B 66 -0.25 19.34 7.19
C GLN B 66 -1.24 20.47 7.47
N CYS B 67 -2.50 20.12 7.71
CA CYS B 67 -3.50 21.13 8.04
C CYS B 67 -3.13 21.85 9.33
N LYS B 68 -2.74 21.11 10.36
CA LYS B 68 -2.38 21.72 11.62
C LYS B 68 -1.15 22.61 11.47
N LEU B 69 -0.17 22.17 10.67
CA LEU B 69 1.09 22.92 10.54
C LEU B 69 1.00 24.09 9.56
N SER B 70 0.04 24.08 8.63
CA SER B 70 -0.11 25.23 7.73
C SER B 70 -0.55 26.46 8.48
N VAL B 71 -1.20 26.27 9.62
CA VAL B 71 -1.62 27.37 10.48
C VAL B 71 -0.42 27.79 11.32
N ALA B 72 -0.20 29.10 11.43
CA ALA B 72 0.86 29.59 12.29
C ALA B 72 0.60 29.11 13.73
N PRO B 73 1.63 28.65 14.43
CA PRO B 73 1.40 27.93 15.69
C PRO B 73 0.61 28.70 16.73
N GLY B 74 0.70 30.04 16.72
CA GLY B 74 0.12 30.84 17.78
C GLY B 74 -1.36 30.65 18.04
N GLU B 75 -1.66 29.99 19.16
CA GLU B 75 -3.02 29.70 19.60
C GLU B 75 -3.91 29.18 18.46
N ARG B 76 -3.45 28.12 17.80
CA ARG B 76 -4.37 27.27 17.08
C ARG B 76 -5.11 26.42 18.09
N THR B 77 -6.44 26.37 17.97
CA THR B 77 -7.28 25.84 19.03
C THR B 77 -6.82 24.44 19.43
N PRO B 78 -6.92 24.08 20.71
CA PRO B 78 -6.47 22.75 21.13
C PRO B 78 -7.15 21.62 20.39
N GLU B 79 -8.40 21.82 19.96
CA GLU B 79 -9.06 20.86 19.07
C GLU B 79 -8.22 20.65 17.81
N LEU B 80 -7.67 21.72 17.24
CA LEU B 80 -6.83 21.57 16.05
C LEU B 80 -5.53 20.86 16.37
N ASN B 81 -4.94 21.14 17.54
CA ASN B 81 -3.68 20.52 17.94
C ASN B 81 -3.82 19.06 18.29
N SER B 82 -5.04 18.54 18.42
CA SER B 82 -5.24 17.13 18.74
C SER B 82 -5.10 16.22 17.52
N TYR B 83 -5.04 16.77 16.31
CA TYR B 83 -4.90 16.04 15.06
C TYR B 83 -3.45 16.08 14.58
N PRO B 84 -2.90 14.94 14.11
CA PRO B 84 -3.54 13.63 14.09
C PRO B 84 -3.52 12.95 15.46
N ARG B 85 -4.32 11.90 15.59
CA ARG B 85 -4.42 11.15 16.83
C ARG B 85 -3.42 10.00 16.82
N PHE B 86 -2.57 9.96 17.84
CA PHE B 86 -1.50 8.98 17.92
C PHE B 86 -2.04 7.55 17.86
N SER B 87 -3.17 7.29 18.51
CA SER B 87 -3.71 5.93 18.51
C SER B 87 -4.11 5.50 17.11
N ASP B 88 -4.61 6.43 16.29
CA ASP B 88 -4.95 6.11 14.90
C ASP B 88 -3.73 5.61 14.13
N TRP B 89 -2.59 6.30 14.29
CA TRP B 89 -1.37 5.89 13.60
C TRP B 89 -0.89 4.52 14.08
N LEU B 90 -0.88 4.29 15.40
CA LEU B 90 -0.45 3.00 15.94
C LEU B 90 -1.35 1.87 15.45
N TYR B 91 -2.67 2.09 15.44
CA TYR B 91 -3.59 1.07 14.98
C TYR B 91 -3.41 0.79 13.49
N THR B 92 -3.05 1.82 12.72
CA THR B 92 -2.80 1.61 11.29
C THR B 92 -1.72 0.56 11.08
N PHE B 93 -0.69 0.54 11.94
CA PHE B 93 0.37 -0.45 11.84
C PHE B 93 0.17 -1.60 12.82
N ASN B 94 -1.07 -1.84 13.24
CA ASN B 94 -1.46 -3.09 13.92
C ASN B 94 -0.64 -3.32 15.19
N VAL B 95 -0.31 -2.24 15.88
CA VAL B 95 0.35 -2.36 17.17
C VAL B 95 -0.64 -2.97 18.17
N ARG B 96 -0.19 -4.00 18.89
CA ARG B 96 -1.06 -4.71 19.81
C ARG B 96 -1.61 -3.75 20.86
N PRO B 97 -2.90 -3.87 21.22
CA PRO B 97 -3.48 -2.91 22.18
C PRO B 97 -2.86 -2.96 23.55
N GLU B 98 -2.30 -4.10 23.94
CA GLU B 98 -1.57 -4.16 25.21
C GLU B 98 -0.31 -3.31 25.16
N VAL B 99 0.26 -3.14 23.96
CA VAL B 99 1.40 -2.25 23.79
C VAL B 99 0.96 -0.79 23.77
N VAL B 100 -0.19 -0.51 23.15
CA VAL B 100 -0.73 0.84 23.15
C VAL B 100 -1.02 1.30 24.57
N GLN B 101 -1.52 0.39 25.41
CA GLN B 101 -1.82 0.74 26.79
C GLN B 101 -0.56 1.02 27.60
N GLU B 102 0.55 0.36 27.27
CA GLU B 102 1.81 0.57 27.96
C GLU B 102 2.58 1.77 27.44
N ILE B 103 1.97 2.60 26.60
CA ILE B 103 2.64 3.77 26.03
C ILE B 103 2.34 4.97 26.93
N PRO B 104 3.35 5.81 27.24
CA PRO B 104 3.10 6.97 28.09
C PRO B 104 2.02 7.88 27.50
N ARG B 105 1.28 8.53 28.40
CA ARG B 105 0.14 9.34 27.98
C ARG B 105 0.60 10.58 27.23
N ASP B 106 1.61 11.27 27.74
CA ASP B 106 2.07 12.52 27.14
C ASP B 106 2.87 12.29 25.86
N LEU B 107 3.03 11.04 25.42
CA LEU B 107 3.81 10.76 24.22
C LEU B 107 2.97 10.98 22.98
N THR B 108 3.51 11.73 22.02
CA THR B 108 2.82 12.08 20.80
C THR B 108 3.61 11.61 19.59
N LEU B 109 2.91 11.49 18.46
CA LEU B 109 3.59 11.21 17.20
C LEU B 109 4.58 12.31 16.85
N ASP B 110 4.27 13.55 17.22
CA ASP B 110 5.19 14.65 16.97
C ASP B 110 6.51 14.45 17.70
N ALA B 111 6.47 13.84 18.89
CA ALA B 111 7.70 13.59 19.65
C ALA B 111 8.54 12.49 19.00
N LEU B 112 7.91 11.38 18.58
CA LEU B 112 8.67 10.31 17.94
C LEU B 112 9.39 10.81 16.69
N LEU B 113 8.73 11.66 15.91
CA LEU B 113 9.38 12.24 14.73
C LEU B 113 10.62 13.02 15.13
N GLU B 114 10.66 13.54 16.36
CA GLU B 114 11.78 14.35 16.85
C GLU B 114 12.93 13.52 17.40
N MET B 115 12.70 12.25 17.72
CA MET B 115 13.74 11.44 18.33
C MET B 115 14.66 10.84 17.28
N ASN B 116 15.83 10.41 17.71
CA ASN B 116 16.70 9.64 16.85
C ASN B 116 16.23 8.18 16.83
N GLU B 117 16.85 7.37 15.98
CA GLU B 117 16.38 6.00 15.80
C GLU B 117 16.56 5.17 17.08
N ALA B 118 17.67 5.37 17.78
CA ALA B 118 17.90 4.63 19.03
C ALA B 118 16.87 5.03 20.09
N LYS B 119 16.48 6.30 20.11
CA LYS B 119 15.48 6.76 21.08
C LYS B 119 14.11 6.19 20.77
N VAL B 120 13.74 6.14 19.49
CA VAL B 120 12.47 5.56 19.10
C VAL B 120 12.39 4.10 19.52
N LYS B 121 13.43 3.32 19.20
CA LYS B 121 13.42 1.89 19.48
C LYS B 121 13.37 1.61 20.98
N GLU B 122 14.21 2.31 21.76
CA GLU B 122 14.21 2.09 23.20
C GLU B 122 12.88 2.49 23.82
N THR B 123 12.26 3.56 23.30
CA THR B 123 10.94 3.95 23.78
C THR B 123 9.90 2.89 23.44
N LEU B 124 9.94 2.34 22.23
CA LEU B 124 8.98 1.29 21.88
C LEU B 124 9.21 0.03 22.69
N ARG B 125 10.48 -0.33 22.92
CA ARG B 125 10.78 -1.54 23.67
C ARG B 125 10.29 -1.44 25.11
N ARG B 126 10.39 -0.26 25.72
CA ARG B 126 9.93 -0.09 27.10
C ARG B 126 8.43 -0.34 27.23
N CYS B 127 7.68 -0.12 26.16
CA CYS B 127 6.25 -0.41 26.13
C CYS B 127 5.95 -1.88 25.84
N GLY B 128 6.97 -2.71 25.64
CA GLY B 128 6.76 -4.11 25.34
C GLY B 128 6.56 -4.42 23.88
N ALA B 129 6.89 -3.49 22.99
CA ALA B 129 6.67 -3.69 21.57
C ALA B 129 7.53 -4.81 21.03
N SER B 130 6.99 -5.53 20.06
CA SER B 130 7.74 -6.61 19.43
C SER B 130 8.85 -6.06 18.55
N GLY B 131 9.84 -6.91 18.26
CA GLY B 131 10.84 -6.54 17.28
C GLY B 131 10.25 -6.29 15.91
N ASP B 132 9.18 -7.03 15.56
CA ASP B 132 8.49 -6.78 14.31
C ASP B 132 7.71 -5.47 14.37
N GLU B 133 7.21 -5.10 15.56
CA GLU B 133 6.48 -3.85 15.70
C GLU B 133 7.40 -2.63 15.69
N CYS B 134 8.63 -2.78 16.20
CA CYS B 134 9.56 -1.65 16.23
C CYS B 134 10.04 -1.30 14.82
N GLY B 135 10.48 -2.31 14.06
CA GLY B 135 10.89 -2.05 12.69
C GLY B 135 9.74 -1.56 11.82
N ARG B 136 8.52 -2.01 12.13
CA ARG B 136 7.35 -1.54 11.42
C ARG B 136 7.15 -0.05 11.62
N LEU B 137 7.17 0.40 12.88
CA LEU B 137 6.98 1.82 13.17
C LEU B 137 8.17 2.66 12.75
N GLN B 138 9.38 2.12 12.86
CA GLN B 138 10.54 2.82 12.33
C GLN B 138 10.41 3.04 10.83
N TYR B 139 9.98 1.99 10.11
CA TYR B 139 9.70 2.13 8.69
C TYR B 139 8.60 3.14 8.45
N ALA B 140 7.57 3.13 9.31
CA ALA B 140 6.47 4.07 9.18
C ALA B 140 6.94 5.51 9.39
N LEU B 141 7.81 5.73 10.38
CA LEU B 141 8.34 7.08 10.61
C LEU B 141 9.16 7.56 9.43
N THR B 142 9.93 6.67 8.81
CA THR B 142 10.71 7.05 7.64
C THR B 142 9.79 7.40 6.46
N CYS B 143 8.79 6.54 6.20
CA CYS B 143 7.80 6.88 5.18
C CYS B 143 7.06 8.15 5.56
N LEU B 144 6.73 8.31 6.84
CA LEU B 144 6.05 9.52 7.31
C LEU B 144 6.92 10.75 7.13
N ARG B 145 8.19 10.66 7.54
CA ARG B 145 9.07 11.84 7.53
C ARG B 145 9.35 12.33 6.13
N LYS B 146 9.30 11.44 5.12
CA LYS B 146 9.54 11.87 3.75
C LYS B 146 8.54 12.94 3.32
N VAL B 147 7.26 12.75 3.64
CA VAL B 147 6.26 13.76 3.29
C VAL B 147 6.42 15.01 4.15
N THR B 148 6.74 14.83 5.43
CA THR B 148 6.97 15.96 6.33
C THR B 148 8.20 15.71 7.20
N ALA B 164 -0.77 25.47 -2.68
CA ALA B 164 -0.01 24.46 -3.41
C ALA B 164 -0.79 23.93 -4.61
N ILE B 165 -1.90 24.60 -4.94
CA ILE B 165 -2.72 24.16 -6.06
C ILE B 165 -1.90 23.94 -7.33
N PRO B 166 -1.01 24.86 -7.73
CA PRO B 166 -0.18 24.56 -8.91
C PRO B 166 0.76 23.36 -8.74
N GLU B 167 1.33 23.14 -7.55
CA GLU B 167 2.19 21.96 -7.39
C GLU B 167 1.38 20.67 -7.44
N GLU B 168 0.20 20.68 -6.83
CA GLU B 168 -0.73 19.57 -6.97
C GLU B 168 -1.13 19.38 -8.43
N VAL B 169 -1.28 20.50 -9.15
CA VAL B 169 -1.71 20.46 -10.55
C VAL B 169 -0.71 19.71 -11.40
N TRP B 170 0.57 20.05 -11.21
CA TRP B 170 1.63 19.45 -12.00
C TRP B 170 1.76 17.97 -11.69
N ASN B 171 1.75 17.63 -10.40
CA ASN B 171 1.90 16.25 -9.94
C ASN B 171 0.77 15.38 -10.48
N ILE B 172 -0.47 15.85 -10.38
CA ILE B 172 -1.60 15.09 -10.93
C ILE B 172 -1.40 14.83 -12.40
N LYS B 173 -0.93 15.83 -13.16
CA LYS B 173 -0.75 15.65 -14.59
C LYS B 173 0.30 14.58 -14.90
N GLN B 174 1.37 14.53 -14.11
CA GLN B 174 2.35 13.46 -14.29
C GLN B 174 1.74 12.10 -13.96
N MET B 175 0.94 12.05 -12.90
CA MET B 175 0.36 10.78 -12.49
C MET B 175 -0.69 10.31 -13.50
N ILE B 176 -1.40 11.23 -14.13
CA ILE B 176 -2.34 10.86 -15.18
C ILE B 176 -1.61 10.23 -16.36
N LYS B 177 -0.49 10.86 -16.78
CA LYS B 177 0.29 10.32 -17.89
C LYS B 177 0.79 8.91 -17.59
N LEU B 178 1.31 8.69 -16.38
CA LEU B 178 1.74 7.32 -16.00
C LEU B 178 0.57 6.36 -15.93
N THR B 179 -0.58 6.80 -15.41
CA THR B 179 -1.73 5.91 -15.34
C THR B 179 -2.22 5.53 -16.72
N GLN B 180 -2.29 6.51 -17.63
CA GLN B 180 -2.63 6.22 -19.02
C GLN B 180 -1.65 5.24 -19.62
N GLU B 181 -0.35 5.45 -19.37
CA GLU B 181 0.65 4.53 -19.92
C GLU B 181 0.50 3.14 -19.31
N HIS B 182 0.12 3.06 -18.04
CA HIS B 182 -0.04 1.75 -17.38
C HIS B 182 -1.20 0.98 -18.02
N ILE B 183 -2.33 1.67 -18.25
CA ILE B 183 -3.48 1.08 -18.92
C ILE B 183 -3.13 0.64 -20.34
N GLU B 184 -2.43 1.49 -21.10
CA GLU B 184 -2.05 1.11 -22.45
C GLU B 184 -1.16 -0.12 -22.44
N ALA B 185 -0.25 -0.20 -21.46
CA ALA B 185 0.62 -1.36 -21.37
C ALA B 185 -0.17 -2.61 -20.99
N LEU B 186 -1.14 -2.48 -20.06
CA LEU B 186 -1.99 -3.63 -19.72
C LEU B 186 -2.72 -4.15 -20.95
N LEU B 187 -3.32 -3.24 -21.73
CA LEU B 187 -4.04 -3.64 -22.93
C LEU B 187 -3.11 -4.21 -23.98
N ASP B 188 -1.89 -3.66 -24.09
CA ASP B 188 -0.93 -4.22 -25.04
C ASP B 188 -0.66 -5.69 -24.73
N LYS B 189 -0.51 -6.03 -23.45
CA LYS B 189 -0.12 -7.38 -23.05
C LYS B 189 -1.29 -8.34 -22.89
N PHE B 190 -2.49 -7.85 -22.59
CA PHE B 190 -3.61 -8.72 -22.27
C PHE B 190 -4.89 -8.39 -23.01
N GLY B 191 -4.96 -7.28 -23.72
CA GLY B 191 -6.19 -6.90 -24.38
C GLY B 191 -6.56 -7.87 -25.48
N GLY B 192 -7.86 -8.03 -25.67
CA GLY B 192 -8.36 -8.88 -26.72
C GLY B 192 -8.22 -10.37 -26.48
N GLU B 193 -7.94 -10.79 -25.25
CA GLU B 193 -7.92 -12.23 -24.91
C GLU B 193 -9.32 -12.72 -24.57
N HIS B 194 -9.62 -13.97 -24.92
CA HIS B 194 -10.95 -14.50 -24.61
C HIS B 194 -11.05 -15.10 -23.20
N ASN B 195 -9.92 -15.48 -22.59
CA ASN B 195 -9.90 -15.93 -21.20
C ASN B 195 -8.90 -15.10 -20.41
N PRO B 196 -9.20 -13.82 -20.15
CA PRO B 196 -8.22 -12.97 -19.49
C PRO B 196 -8.03 -13.39 -18.04
N PRO B 197 -6.80 -13.35 -17.56
CA PRO B 197 -6.53 -13.73 -16.17
C PRO B 197 -7.25 -12.78 -15.22
N SER B 198 -7.80 -13.33 -14.15
CA SER B 198 -8.46 -12.49 -13.15
C SER B 198 -7.54 -11.37 -12.64
N ILE B 199 -6.25 -11.66 -12.50
CA ILE B 199 -5.34 -10.67 -11.91
C ILE B 199 -5.17 -9.48 -12.85
N TYR B 200 -5.22 -9.71 -14.17
CA TYR B 200 -5.24 -8.61 -15.13
C TYR B 200 -6.52 -7.80 -15.01
N LEU B 201 -7.66 -8.48 -14.94
CA LEU B 201 -8.97 -7.81 -14.89
C LEU B 201 -9.08 -6.91 -13.67
N GLU B 202 -8.51 -7.37 -12.54
CA GLU B 202 -8.46 -6.55 -11.33
C GLU B 202 -7.65 -5.27 -11.58
N ALA B 203 -6.49 -5.41 -12.23
CA ALA B 203 -5.68 -4.22 -12.51
C ALA B 203 -6.38 -3.30 -13.49
N TYR B 204 -7.03 -3.87 -14.52
CA TYR B 204 -7.73 -3.05 -15.50
C TYR B 204 -8.80 -2.20 -14.83
N GLU B 205 -9.64 -2.82 -13.99
CA GLU B 205 -10.68 -2.08 -13.29
C GLU B 205 -10.08 -1.00 -12.39
N GLU B 206 -9.05 -1.36 -11.61
CA GLU B 206 -8.50 -0.38 -10.68
C GLU B 206 -7.90 0.82 -11.40
N TYR B 207 -7.13 0.57 -12.45
CA TYR B 207 -6.40 1.68 -13.08
C TYR B 207 -7.30 2.54 -13.95
N THR B 208 -8.28 1.95 -14.64
CA THR B 208 -9.22 2.80 -15.37
C THR B 208 -10.05 3.64 -14.41
N SER B 209 -10.37 3.07 -13.24
CA SER B 209 -11.01 3.84 -12.18
C SER B 209 -10.10 4.93 -11.66
N LYS B 210 -8.84 4.59 -11.39
CA LYS B 210 -7.89 5.59 -10.91
C LYS B 210 -7.73 6.73 -11.91
N LEU B 211 -7.69 6.42 -13.22
CA LEU B 211 -7.58 7.49 -14.23
C LEU B 211 -8.77 8.45 -14.15
N ASP B 212 -9.98 7.92 -13.95
CA ASP B 212 -11.13 8.80 -13.80
C ASP B 212 -11.06 9.58 -12.50
N ALA B 213 -10.52 9.00 -11.44
CA ALA B 213 -10.41 9.77 -10.19
C ALA B 213 -9.40 10.90 -10.36
N LEU B 214 -8.25 10.59 -10.96
CA LEU B 214 -7.24 11.62 -11.19
C LEU B 214 -7.73 12.72 -12.12
N GLN B 215 -8.42 12.35 -13.21
CA GLN B 215 -8.82 13.39 -14.16
C GLN B 215 -9.88 14.31 -13.56
N GLN B 216 -10.76 13.77 -12.72
CA GLN B 216 -11.74 14.60 -12.01
C GLN B 216 -11.04 15.55 -11.04
N ARG B 217 -10.08 15.02 -10.26
N ARG B 217 -10.09 15.04 -10.26
CA ARG B 217 -9.33 15.87 -9.34
CA ARG B 217 -9.36 15.91 -9.35
C ARG B 217 -8.54 16.94 -10.09
C ARG B 217 -8.59 16.98 -10.11
N GLU B 218 -8.02 16.61 -11.27
CA GLU B 218 -7.32 17.61 -12.09
C GLU B 218 -8.25 18.76 -12.44
N GLN B 219 -9.48 18.45 -12.83
CA GLN B 219 -10.47 19.49 -13.09
C GLN B 219 -10.67 20.37 -11.86
N GLN B 220 -10.83 19.75 -10.69
CA GLN B 220 -10.98 20.52 -9.45
C GLN B 220 -9.77 21.43 -9.20
N LEU B 221 -8.55 20.94 -9.48
CA LEU B 221 -7.37 21.74 -9.20
C LEU B 221 -7.21 22.86 -10.21
N LEU B 222 -7.51 22.57 -11.49
CA LEU B 222 -7.47 23.61 -12.51
C LEU B 222 -8.47 24.72 -12.21
N GLU B 223 -9.60 24.37 -11.57
CA GLU B 223 -10.56 25.40 -11.18
C GLU B 223 -10.03 26.25 -10.03
N SER B 224 -9.43 25.62 -9.02
CA SER B 224 -8.92 26.37 -7.88
C SER B 224 -7.75 27.27 -8.29
N LEU B 225 -6.84 26.74 -9.10
CA LEU B 225 -5.75 27.55 -9.62
C LEU B 225 -6.28 28.72 -10.44
N GLY B 226 -7.31 28.46 -11.27
CA GLY B 226 -7.88 29.53 -12.07
C GLY B 226 -8.40 30.69 -11.23
N ASN B 227 -9.00 30.38 -10.08
CA ASN B 227 -9.48 31.42 -9.17
C ASN B 227 -8.74 31.37 -7.84
#